data_8ALO
#
_entry.id   8ALO
#
_cell.length_a   72.507
_cell.length_b   72.507
_cell.length_c   79.463
_cell.angle_alpha   90.000
_cell.angle_beta   90.000
_cell.angle_gamma   120.000
#
_symmetry.space_group_name_H-M   'P 65'
#
loop_
_entity.id
_entity.type
_entity.pdbx_description
1 polymer 'Cholera toxin transcriptional activator'
2 polymer 'Transmembrane regulatory protein ToxS'
3 water water
#
loop_
_entity_poly.entity_id
_entity_poly.type
_entity_poly.pdbx_seq_one_letter_code
_entity_poly.pdbx_strand_id
1 'polypeptide(L)'
;MRGSHHHHHHGSPSQTSFKPLTVVDGVAVNMPNNHPDLSNWLPSIELCVKKYNEKHTGGLKPIEVIATGGQNNQLTLNYI
HSPEVSGENITLRIVANPNDAIKVCE
;
A
2 'polypeptide(L)'
;MGSSHHHHHHSQDPNSDFKLEQVLTSREWQSKMVSLIKTNSNRPAMGPLSRVDVTSNVKYLPNGTYLRVSIVKLFSDDNS
AESVINISEFGEWDISDNYLLVTPVEFKDISSNQSKDFTDEQLQLITQLFKMDAQQSRRVDIVNERTILFTSLSHGSTVL
FSNS
;
B
#
# COMPACT_ATOMS: atom_id res chain seq x y z
N PHE A 18 0.82 -13.70 -12.49
CA PHE A 18 2.05 -13.55 -11.62
C PHE A 18 2.96 -14.78 -11.73
N LYS A 19 4.20 -14.68 -11.23
CA LYS A 19 5.20 -15.80 -11.16
C LYS A 19 5.65 -16.05 -9.72
N PRO A 20 6.01 -17.29 -9.32
CA PRO A 20 6.41 -17.59 -7.95
C PRO A 20 7.76 -16.99 -7.59
N LEU A 21 7.87 -16.54 -6.35
CA LEU A 21 9.17 -16.24 -5.72
C LEU A 21 9.51 -17.38 -4.76
N THR A 22 8.63 -17.67 -3.81
CA THR A 22 8.89 -18.63 -2.73
C THR A 22 7.60 -19.11 -2.10
N VAL A 23 7.68 -20.05 -1.17
CA VAL A 23 6.53 -20.53 -0.37
C VAL A 23 6.94 -20.51 1.11
N VAL A 24 6.07 -20.03 1.97
CA VAL A 24 6.31 -19.90 3.44
C VAL A 24 5.04 -20.31 4.16
N ASP A 25 5.12 -21.20 5.15
CA ASP A 25 3.94 -21.80 5.83
C ASP A 25 2.85 -22.26 4.82
N GLY A 26 3.24 -22.75 3.65
CA GLY A 26 2.25 -23.19 2.64
C GLY A 26 1.40 -22.08 2.05
N VAL A 27 1.85 -20.83 2.17
CA VAL A 27 1.32 -19.65 1.46
C VAL A 27 2.27 -19.35 0.30
N ALA A 28 1.75 -19.28 -0.92
CA ALA A 28 2.56 -18.95 -2.11
C ALA A 28 2.92 -17.47 -2.07
N VAL A 29 4.22 -17.15 -2.08
CA VAL A 29 4.71 -15.77 -2.25
C VAL A 29 5.07 -15.61 -3.71
N ASN A 30 4.28 -14.81 -4.39
CA ASN A 30 4.44 -14.51 -5.81
C ASN A 30 5.07 -13.14 -6.00
N MET A 31 5.45 -12.85 -7.23
CA MET A 31 5.93 -11.53 -7.67
C MET A 31 5.50 -11.34 -9.13
N PRO A 32 5.43 -10.10 -9.64
CA PRO A 32 5.02 -9.87 -11.02
C PRO A 32 5.93 -10.56 -12.03
N ASN A 33 5.35 -10.87 -13.18
CA ASN A 33 6.14 -11.28 -14.38
C ASN A 33 7.12 -10.16 -14.71
N ASN A 34 8.31 -10.51 -15.16
CA ASN A 34 9.38 -9.53 -15.54
C ASN A 34 9.78 -8.58 -14.38
N HIS A 35 9.48 -8.92 -13.13
CA HIS A 35 9.94 -8.13 -11.97
C HIS A 35 11.46 -8.29 -11.75
N PRO A 36 12.19 -7.27 -11.22
CA PRO A 36 13.60 -7.41 -10.79
C PRO A 36 13.88 -8.55 -9.79
N ASP A 37 15.17 -8.75 -9.47
CA ASP A 37 15.62 -9.83 -8.56
C ASP A 37 15.34 -9.45 -7.11
N LEU A 38 14.28 -10.04 -6.52
CA LEU A 38 13.93 -9.87 -5.10
C LEU A 38 14.64 -10.88 -4.18
N SER A 39 15.54 -11.72 -4.66
CA SER A 39 16.15 -12.80 -3.83
C SER A 39 16.98 -12.20 -2.68
N ASN A 40 17.49 -10.99 -2.82
CA ASN A 40 18.28 -10.32 -1.76
C ASN A 40 17.41 -9.92 -0.55
N TRP A 41 16.08 -9.98 -0.65
CA TRP A 41 15.13 -9.68 0.46
C TRP A 41 14.67 -10.91 1.23
N LEU A 42 14.89 -12.13 0.70
CA LEU A 42 14.11 -13.32 1.05
C LEU A 42 13.99 -13.57 2.55
N PRO A 43 15.05 -13.53 3.38
CA PRO A 43 14.94 -13.80 4.81
C PRO A 43 13.92 -12.92 5.52
N SER A 44 13.81 -11.67 5.07
CA SER A 44 12.86 -10.66 5.59
C SER A 44 11.44 -10.99 5.15
N ILE A 45 11.24 -11.38 3.90
CA ILE A 45 9.93 -11.87 3.39
C ILE A 45 9.48 -13.09 4.18
N GLU A 46 10.33 -14.10 4.31
CA GLU A 46 10.01 -15.34 5.05
C GLU A 46 9.56 -14.98 6.46
N LEU A 47 10.27 -14.07 7.10
CA LEU A 47 9.96 -13.68 8.47
C LEU A 47 8.65 -12.88 8.55
N CYS A 48 8.46 -11.87 7.73
CA CYS A 48 7.22 -11.06 7.75
C CYS A 48 5.97 -11.85 7.34
N VAL A 49 6.08 -12.92 6.58
CA VAL A 49 4.91 -13.79 6.30
C VAL A 49 4.59 -14.63 7.52
N LYS A 50 5.59 -15.25 8.13
CA LYS A 50 5.42 -16.12 9.29
C LYS A 50 4.87 -15.33 10.50
N LYS A 51 5.44 -14.17 10.79
CA LYS A 51 4.97 -13.29 11.87
C LYS A 51 3.54 -12.77 11.61
N TYR A 52 3.09 -12.69 10.37
CA TYR A 52 1.69 -12.34 10.06
C TYR A 52 0.76 -13.53 10.30
N ASN A 53 1.17 -14.73 9.93
CA ASN A 53 0.35 -15.94 10.08
C ASN A 53 -0.02 -16.22 11.53
N GLU A 54 0.82 -15.83 12.48
CA GLU A 54 0.54 -15.98 13.92
C GLU A 54 -0.76 -15.30 14.36
N LYS A 55 -1.14 -14.20 13.71
CA LYS A 55 -2.44 -13.52 13.97
C LYS A 55 -3.57 -13.94 13.05
N HIS A 56 -3.32 -14.78 12.05
CA HIS A 56 -4.25 -15.02 10.93
C HIS A 56 -4.30 -16.50 10.58
N THR A 57 -4.99 -17.28 11.41
CA THR A 57 -5.13 -18.76 11.24
C THR A 57 -6.33 -19.15 10.39
N GLY A 58 -6.26 -20.32 9.76
CA GLY A 58 -7.41 -20.94 9.08
C GLY A 58 -8.00 -20.05 8.00
N GLY A 59 -9.27 -19.67 8.12
CA GLY A 59 -9.94 -18.75 7.20
C GLY A 59 -9.27 -17.39 7.08
N LEU A 60 -8.57 -16.95 8.13
CA LEU A 60 -7.79 -15.69 8.08
C LEU A 60 -6.45 -15.87 7.36
N LYS A 61 -5.97 -17.09 7.14
CA LYS A 61 -4.64 -17.30 6.54
C LYS A 61 -4.65 -16.85 5.08
N PRO A 62 -3.62 -16.14 4.61
CA PRO A 62 -3.56 -15.71 3.22
C PRO A 62 -3.44 -16.90 2.26
N ILE A 63 -4.11 -16.80 1.12
CA ILE A 63 -4.00 -17.76 0.00
C ILE A 63 -2.78 -17.45 -0.87
N GLU A 64 -2.34 -16.20 -0.88
CA GLU A 64 -1.06 -15.79 -1.43
C GLU A 64 -0.56 -14.51 -0.78
N VAL A 65 0.71 -14.22 -1.00
CA VAL A 65 1.31 -12.90 -0.78
C VAL A 65 1.94 -12.47 -2.09
N ILE A 66 1.73 -11.23 -2.50
CA ILE A 66 2.36 -10.67 -3.72
C ILE A 66 3.40 -9.66 -3.27
N ALA A 67 4.64 -9.94 -3.58
CA ALA A 67 5.77 -9.03 -3.33
C ALA A 67 5.94 -8.08 -4.52
N THR A 68 6.29 -6.83 -4.25
CA THR A 68 6.85 -5.88 -5.23
C THR A 68 7.87 -4.97 -4.56
N GLY A 69 8.59 -4.19 -5.34
CA GLY A 69 9.50 -3.15 -4.84
C GLY A 69 10.95 -3.49 -5.10
N GLY A 70 11.76 -3.38 -4.06
CA GLY A 70 13.20 -3.66 -4.09
C GLY A 70 14.03 -2.45 -4.43
N GLN A 71 13.86 -1.91 -5.63
CA GLN A 71 14.46 -0.66 -6.12
C GLN A 71 14.25 0.48 -5.14
N ASN A 72 15.33 1.18 -4.73
CA ASN A 72 15.26 2.34 -3.80
C ASN A 72 14.98 1.93 -2.34
N ASN A 73 15.46 0.77 -1.87
CA ASN A 73 15.41 0.32 -0.45
C ASN A 73 13.99 0.31 0.15
N GLN A 74 13.08 -0.37 -0.52
CA GLN A 74 11.67 -0.36 -0.16
C GLN A 74 11.02 -1.64 -0.69
N LEU A 75 10.50 -2.49 0.18
CA LEU A 75 9.80 -3.74 -0.19
C LEU A 75 8.32 -3.65 0.14
N THR A 76 7.46 -4.13 -0.73
CA THR A 76 6.01 -4.16 -0.54
C THR A 76 5.48 -5.58 -0.57
N LEU A 77 4.81 -6.02 0.50
CA LEU A 77 4.10 -7.31 0.57
C LEU A 77 2.59 -7.11 0.68
N ASN A 78 1.85 -7.64 -0.28
CA ASN A 78 0.37 -7.53 -0.32
C ASN A 78 -0.22 -8.86 0.07
N TYR A 79 -0.99 -8.89 1.14
CA TYR A 79 -1.53 -10.15 1.69
C TYR A 79 -2.92 -10.38 1.13
N ILE A 80 -3.10 -11.52 0.49
CA ILE A 80 -4.36 -11.88 -0.19
C ILE A 80 -5.02 -13.01 0.57
N HIS A 81 -6.22 -12.75 1.05
CA HIS A 81 -7.09 -13.69 1.78
C HIS A 81 -8.10 -14.24 0.79
N SER A 82 -8.83 -15.28 1.13
CA SER A 82 -9.78 -15.90 0.16
C SER A 82 -10.96 -14.93 -0.07
N PRO A 83 -11.58 -14.90 -1.27
CA PRO A 83 -12.53 -13.86 -1.67
C PRO A 83 -13.82 -13.72 -0.87
N GLU A 84 -14.09 -14.69 0.00
CA GLU A 84 -15.15 -14.74 1.03
C GLU A 84 -14.88 -13.69 2.12
N VAL A 85 -13.60 -13.38 2.35
CA VAL A 85 -13.08 -12.54 3.45
C VAL A 85 -11.96 -11.61 2.96
N SER A 86 -11.99 -11.27 1.69
CA SER A 86 -11.01 -10.36 1.06
C SER A 86 -11.07 -8.93 1.60
N GLY A 87 -12.02 -8.61 2.49
CA GLY A 87 -11.95 -7.38 3.30
C GLY A 87 -10.78 -7.35 4.29
N GLU A 88 -10.11 -8.47 4.53
CA GLU A 88 -8.91 -8.55 5.39
C GLU A 88 -7.62 -8.28 4.60
N ASN A 89 -7.68 -8.13 3.29
CA ASN A 89 -6.53 -7.83 2.41
C ASN A 89 -5.84 -6.53 2.80
N ILE A 90 -4.50 -6.55 2.83
CA ILE A 90 -3.71 -5.40 3.33
C ILE A 90 -2.36 -5.35 2.61
N THR A 91 -1.78 -4.16 2.52
CA THR A 91 -0.39 -3.98 2.05
C THR A 91 0.51 -3.65 3.22
N LEU A 92 1.58 -4.41 3.40
CA LEU A 92 2.68 -4.09 4.30
C LEU A 92 3.85 -3.58 3.47
N ARG A 93 4.32 -2.38 3.76
CA ARG A 93 5.48 -1.78 3.09
C ARG A 93 6.60 -1.65 4.11
N ILE A 94 7.79 -2.10 3.77
CA ILE A 94 8.99 -1.98 4.62
C ILE A 94 9.88 -0.94 3.96
N VAL A 95 10.21 0.08 4.74
CA VAL A 95 11.11 1.18 4.33
C VAL A 95 12.39 1.01 5.14
N ALA A 96 13.15 0.00 4.74
CA ALA A 96 14.43 -0.32 5.37
C ALA A 96 15.34 -0.99 4.34
N ASN A 97 16.64 -0.74 4.44
CA ASN A 97 17.65 -1.47 3.65
C ASN A 97 17.62 -2.94 4.07
N PRO A 98 17.92 -3.94 3.19
CA PRO A 98 17.71 -5.34 3.52
C PRO A 98 18.34 -5.79 4.84
N ASN A 99 19.49 -5.22 5.21
CA ASN A 99 20.15 -5.50 6.49
C ASN A 99 19.32 -5.05 7.68
N ASP A 100 18.67 -3.89 7.59
CA ASP A 100 17.73 -3.38 8.61
C ASP A 100 16.41 -4.14 8.56
N ALA A 101 15.92 -4.47 7.36
CA ALA A 101 14.56 -4.99 7.11
C ALA A 101 14.21 -6.20 8.00
N ILE A 102 15.19 -7.05 8.30
CA ILE A 102 14.98 -8.26 9.14
C ILE A 102 14.56 -7.84 10.56
N LYS A 103 15.14 -6.75 11.09
CA LYS A 103 14.84 -6.20 12.44
C LYS A 103 13.44 -5.52 12.50
N VAL A 104 12.94 -5.08 11.34
CA VAL A 104 11.64 -4.37 11.29
C VAL A 104 10.50 -5.33 11.63
N CYS A 105 10.51 -6.56 11.10
CA CYS A 105 9.58 -7.64 11.44
C CYS A 105 10.26 -8.42 12.56
N ASP B 17 -12.74 -3.94 -24.78
CA ASP B 17 -11.46 -3.54 -24.13
C ASP B 17 -11.77 -2.87 -22.80
N PHE B 18 -13.03 -2.47 -22.60
CA PHE B 18 -13.39 -1.72 -21.38
C PHE B 18 -13.61 -2.68 -20.23
N LYS B 19 -13.24 -3.94 -20.44
CA LYS B 19 -13.35 -4.93 -19.34
C LYS B 19 -12.79 -4.26 -18.08
N LEU B 20 -11.60 -3.67 -18.19
CA LEU B 20 -11.00 -3.10 -16.97
C LEU B 20 -11.86 -1.96 -16.43
N GLU B 21 -12.48 -1.18 -17.31
CA GLU B 21 -13.33 -0.06 -16.87
C GLU B 21 -14.54 -0.57 -16.10
N GLN B 22 -15.16 -1.66 -16.56
CA GLN B 22 -16.31 -2.27 -15.87
C GLN B 22 -15.91 -2.68 -14.45
N VAL B 23 -14.73 -3.22 -14.26
CA VAL B 23 -14.25 -3.58 -12.91
C VAL B 23 -14.09 -2.34 -12.05
N LEU B 24 -13.29 -1.36 -12.45
CA LEU B 24 -13.06 -0.16 -11.64
C LEU B 24 -14.37 0.58 -11.33
N THR B 25 -15.24 0.75 -12.31
CA THR B 25 -16.46 1.55 -12.11
C THR B 25 -17.57 0.80 -11.37
N SER B 26 -17.62 -0.51 -11.43
CA SER B 26 -18.72 -1.33 -10.87
C SER B 26 -18.84 -1.22 -9.34
N ARG B 27 -17.80 -0.73 -8.68
CA ARG B 27 -17.57 -0.87 -7.24
C ARG B 27 -16.92 0.38 -6.68
N GLU B 28 -17.15 0.61 -5.41
CA GLU B 28 -16.23 1.41 -4.57
C GLU B 28 -15.12 0.49 -4.04
N TRP B 29 -13.92 1.04 -3.87
CA TRP B 29 -12.71 0.28 -3.54
C TRP B 29 -12.09 0.84 -2.27
N GLN B 30 -11.51 -0.04 -1.47
CA GLN B 30 -10.91 0.32 -0.18
C GLN B 30 -9.54 -0.34 -0.02
N SER B 31 -8.71 0.22 0.83
CA SER B 31 -7.39 -0.35 1.15
C SER B 31 -6.91 0.04 2.55
N LYS B 32 -6.03 -0.79 3.10
CA LYS B 32 -5.15 -0.36 4.20
C LYS B 32 -3.72 -0.62 3.79
N MET B 33 -2.84 0.29 4.18
CA MET B 33 -1.40 0.10 4.05
C MET B 33 -0.74 0.45 5.38
N VAL B 34 0.13 -0.42 5.90
CA VAL B 34 1.06 -0.04 6.98
C VAL B 34 2.45 0.07 6.40
N SER B 35 3.11 1.21 6.61
CA SER B 35 4.52 1.41 6.24
C SER B 35 5.35 1.40 7.51
N LEU B 36 6.35 0.51 7.58
CA LEU B 36 7.22 0.39 8.77
C LEU B 36 8.62 0.87 8.39
N ILE B 37 9.16 1.84 9.13
CA ILE B 37 10.32 2.66 8.67
C ILE B 37 11.43 2.53 9.73
N LYS B 38 12.40 1.61 9.57
CA LYS B 38 13.60 1.50 10.45
C LYS B 38 14.79 2.17 9.76
N THR B 39 14.57 2.80 8.61
CA THR B 39 15.52 3.74 7.96
C THR B 39 15.18 5.17 8.44
N ASN B 40 14.45 5.29 9.56
CA ASN B 40 14.08 6.56 10.24
C ASN B 40 15.35 7.34 10.60
N SER B 41 16.47 6.62 10.79
CA SER B 41 17.81 7.17 11.12
C SER B 41 18.43 7.87 9.89
N ASN B 42 17.70 7.98 8.77
CA ASN B 42 18.21 8.54 7.49
C ASN B 42 17.37 9.75 7.03
N ARG B 43 16.49 10.30 7.89
CA ARG B 43 15.64 11.47 7.55
C ARG B 43 15.04 12.07 8.84
N PRO B 44 15.61 13.19 9.36
CA PRO B 44 15.02 13.88 10.51
C PRO B 44 14.02 14.99 10.11
N ALA B 45 13.96 15.34 8.82
CA ALA B 45 12.94 16.23 8.21
C ALA B 45 11.63 15.46 8.00
N MET B 46 11.60 14.17 8.36
CA MET B 46 10.35 13.41 8.55
C MET B 46 10.15 13.30 10.06
N GLY B 47 11.19 13.47 10.88
CA GLY B 47 11.10 13.43 12.37
C GLY B 47 11.14 11.99 12.91
N PRO B 48 10.64 11.76 14.15
CA PRO B 48 10.77 10.48 14.86
C PRO B 48 9.81 9.39 14.39
N LEU B 49 9.45 9.43 13.10
CA LEU B 49 8.47 8.53 12.48
C LEU B 49 8.95 7.09 12.50
N SER B 50 8.16 6.17 13.07
CA SER B 50 8.44 4.73 13.14
C SER B 50 7.48 3.94 12.23
N ARG B 51 6.25 4.39 12.10
CA ARG B 51 5.18 3.67 11.40
C ARG B 51 4.16 4.67 10.86
N VAL B 52 3.55 4.30 9.73
CA VAL B 52 2.47 5.04 9.08
C VAL B 52 1.34 4.09 8.73
N ASP B 53 0.14 4.36 9.21
CA ASP B 53 -1.06 3.63 8.75
C ASP B 53 -1.82 4.54 7.79
N VAL B 54 -2.16 4.03 6.62
CA VAL B 54 -3.08 4.72 5.68
C VAL B 54 -4.30 3.85 5.45
N THR B 55 -5.48 4.41 5.70
CA THR B 55 -6.75 3.82 5.25
C THR B 55 -7.35 4.67 4.14
N SER B 56 -7.70 4.09 3.00
CA SER B 56 -8.22 4.83 1.84
C SER B 56 -9.53 4.25 1.32
N ASN B 57 -10.38 5.11 0.79
CA ASN B 57 -11.59 4.74 0.03
C ASN B 57 -11.58 5.51 -1.29
N VAL B 58 -11.92 4.87 -2.40
CA VAL B 58 -11.95 5.52 -3.73
C VAL B 58 -13.15 5.02 -4.53
N LYS B 59 -13.80 5.92 -5.28
CA LYS B 59 -14.72 5.54 -6.35
C LYS B 59 -14.25 6.12 -7.67
N TYR B 60 -14.19 5.27 -8.69
CA TYR B 60 -13.93 5.68 -10.09
C TYR B 60 -15.28 5.74 -10.80
N LEU B 61 -15.71 6.93 -11.18
CA LEU B 61 -17.00 7.12 -11.85
C LEU B 61 -16.85 6.92 -13.35
N PRO B 62 -17.88 6.44 -14.09
CA PRO B 62 -17.85 6.36 -15.55
C PRO B 62 -17.71 7.71 -16.28
N ASN B 63 -17.94 8.84 -15.61
CA ASN B 63 -17.59 10.21 -16.04
C ASN B 63 -16.17 10.35 -16.61
N GLY B 64 -15.25 9.53 -16.13
CA GLY B 64 -13.82 9.78 -16.24
C GLY B 64 -13.30 10.60 -15.07
N THR B 65 -14.05 10.70 -13.98
CA THR B 65 -13.57 11.32 -12.72
C THR B 65 -13.57 10.30 -11.59
N TYR B 66 -12.74 10.55 -10.61
CA TYR B 66 -12.70 9.76 -9.37
C TYR B 66 -12.67 10.71 -8.20
N LEU B 67 -12.98 10.16 -7.04
CA LEU B 67 -12.81 10.88 -5.77
C LEU B 67 -12.24 9.91 -4.74
N ARG B 68 -11.34 10.40 -3.91
CA ARG B 68 -10.57 9.56 -2.95
C ARG B 68 -10.46 10.26 -1.59
N VAL B 69 -10.69 9.55 -0.50
CA VAL B 69 -10.40 10.08 0.85
C VAL B 69 -9.49 9.10 1.57
N SER B 70 -8.46 9.65 2.20
CA SER B 70 -7.42 8.87 2.89
C SER B 70 -7.18 9.42 4.28
N ILE B 71 -7.14 8.53 5.26
CA ILE B 71 -6.79 8.84 6.65
C ILE B 71 -5.37 8.33 6.83
N VAL B 72 -4.45 9.22 7.17
CA VAL B 72 -3.04 8.90 7.45
C VAL B 72 -2.80 9.08 8.93
N LYS B 73 -2.38 8.04 9.63
CA LYS B 73 -1.94 8.12 11.03
C LYS B 73 -0.44 7.96 11.09
N LEU B 74 0.22 8.86 11.83
CA LEU B 74 1.67 8.84 12.03
C LEU B 74 2.00 8.42 13.45
N PHE B 75 2.97 7.53 13.60
CA PHE B 75 3.35 6.95 14.90
C PHE B 75 4.81 7.20 15.24
N SER B 76 5.13 7.47 16.48
CA SER B 76 6.54 7.71 16.91
C SER B 76 7.02 6.54 17.80
N ASP B 77 6.58 6.48 19.06
CA ASP B 77 6.88 5.41 20.02
C ASP B 77 5.49 4.94 20.48
N ASP B 78 4.64 5.89 20.87
CA ASP B 78 3.20 5.60 21.18
C ASP B 78 2.57 4.68 20.16
N ASN B 79 1.90 3.62 20.62
CA ASN B 79 0.99 2.77 19.80
C ASN B 79 -0.22 3.69 19.57
N SER B 80 -0.14 4.94 20.04
CA SER B 80 -1.07 6.07 19.73
C SER B 80 -0.57 6.87 18.52
N ALA B 81 -1.48 7.13 17.57
CA ALA B 81 -1.24 7.97 16.38
C ALA B 81 -0.90 9.40 16.83
N GLU B 82 0.38 9.77 16.85
CA GLU B 82 0.83 11.13 17.24
C GLU B 82 0.13 12.18 16.37
N SER B 83 -0.18 11.87 15.11
CA SER B 83 -0.74 12.87 14.16
C SER B 83 -1.63 12.18 13.15
N VAL B 84 -2.78 12.77 12.85
CA VAL B 84 -3.69 12.27 11.80
C VAL B 84 -3.89 13.32 10.74
N ILE B 85 -3.65 12.93 9.48
CA ILE B 85 -3.89 13.75 8.28
C ILE B 85 -5.08 13.17 7.52
N ASN B 86 -6.05 13.99 7.21
CA ASN B 86 -7.14 13.64 6.29
C ASN B 86 -6.82 14.26 4.93
N ILE B 87 -6.62 13.45 3.91
CA ILE B 87 -6.40 13.93 2.53
C ILE B 87 -7.58 13.54 1.70
N SER B 88 -8.22 14.55 1.10
CA SER B 88 -9.34 14.36 0.15
C SER B 88 -8.89 14.79 -1.23
N GLU B 89 -9.29 14.03 -2.23
CA GLU B 89 -8.80 14.13 -3.60
C GLU B 89 -9.95 14.02 -4.59
N PHE B 90 -9.74 14.67 -5.71
CA PHE B 90 -10.62 14.60 -6.89
C PHE B 90 -9.76 14.71 -8.12
N GLY B 91 -10.17 14.09 -9.20
CA GLY B 91 -9.42 14.16 -10.46
C GLY B 91 -10.07 13.41 -11.58
N GLU B 92 -9.37 13.40 -12.70
CA GLU B 92 -9.68 12.65 -13.92
C GLU B 92 -8.99 11.28 -13.85
N TRP B 93 -9.57 10.26 -14.48
CA TRP B 93 -8.88 8.99 -14.73
C TRP B 93 -9.15 8.45 -16.15
N ASP B 94 -8.21 7.69 -16.66
CA ASP B 94 -8.32 7.02 -17.97
C ASP B 94 -7.56 5.70 -17.97
N ILE B 95 -7.87 4.83 -18.91
CA ILE B 95 -7.18 3.52 -19.11
C ILE B 95 -6.41 3.54 -20.41
N SER B 96 -5.24 2.92 -20.40
CA SER B 96 -4.53 2.50 -21.61
C SER B 96 -3.88 1.13 -21.37
N ASP B 97 -4.46 0.12 -22.05
CA ASP B 97 -4.18 -1.32 -21.87
C ASP B 97 -4.37 -1.64 -20.39
N ASN B 98 -3.40 -2.23 -19.70
CA ASN B 98 -3.49 -2.51 -18.25
C ASN B 98 -3.19 -1.27 -17.37
N TYR B 99 -3.01 -0.08 -17.91
CA TYR B 99 -2.52 1.05 -17.05
C TYR B 99 -3.65 2.02 -16.78
N LEU B 100 -3.86 2.29 -15.50
CA LEU B 100 -4.73 3.35 -14.97
C LEU B 100 -3.94 4.64 -14.83
N LEU B 101 -4.32 5.60 -15.65
CA LEU B 101 -3.69 6.91 -15.76
C LEU B 101 -4.55 7.89 -14.95
N VAL B 102 -4.09 8.27 -13.75
CA VAL B 102 -4.81 9.32 -12.96
C VAL B 102 -4.29 10.73 -13.27
N THR B 103 -5.11 11.70 -12.95
CA THR B 103 -4.80 13.14 -13.06
C THR B 103 -5.51 13.87 -11.95
N PRO B 104 -4.87 14.08 -10.78
CA PRO B 104 -5.46 14.88 -9.71
C PRO B 104 -5.71 16.33 -10.12
N VAL B 105 -6.81 16.88 -9.63
CA VAL B 105 -7.29 18.25 -9.91
C VAL B 105 -7.25 19.09 -8.63
N GLU B 106 -7.68 18.51 -7.50
CA GLU B 106 -7.62 19.11 -6.16
C GLU B 106 -7.10 18.07 -5.17
N PHE B 107 -6.20 18.50 -4.27
CA PHE B 107 -5.82 17.80 -3.04
C PHE B 107 -6.10 18.71 -1.85
N LYS B 108 -6.96 18.29 -0.94
CA LYS B 108 -7.27 19.02 0.31
C LYS B 108 -6.60 18.24 1.44
N ASP B 109 -5.79 18.89 2.26
CA ASP B 109 -5.29 18.26 3.52
C ASP B 109 -5.80 19.00 4.75
N ILE B 110 -6.29 18.27 5.73
CA ILE B 110 -6.62 18.82 7.06
C ILE B 110 -5.90 17.96 8.08
N SER B 111 -5.20 18.60 8.99
CA SER B 111 -4.29 17.92 9.93
C SER B 111 -4.80 18.05 11.36
N SER B 112 -4.42 17.10 12.19
CA SER B 112 -4.65 17.11 13.64
C SER B 112 -3.40 16.55 14.32
N ASN B 113 -2.86 17.30 15.27
CA ASN B 113 -1.62 16.89 15.96
C ASN B 113 -1.75 17.02 17.46
N GLN B 114 -1.60 15.92 18.21
CA GLN B 114 -1.95 15.86 19.67
C GLN B 114 -0.66 15.56 20.45
N SER B 115 0.45 16.12 19.98
CA SER B 115 1.83 15.63 20.21
C SER B 115 2.81 16.75 19.81
N LYS B 116 3.99 16.70 20.46
CA LYS B 116 5.14 17.57 20.15
C LYS B 116 6.20 16.85 19.32
N ASP B 117 6.06 15.52 19.11
CA ASP B 117 6.99 14.75 18.25
C ASP B 117 7.11 15.35 16.85
N PHE B 118 5.97 15.66 16.21
CA PHE B 118 5.92 16.05 14.80
C PHE B 118 5.70 17.54 14.66
N THR B 119 6.53 18.16 13.82
CA THR B 119 6.39 19.58 13.50
C THR B 119 5.48 19.76 12.29
N ASP B 120 5.00 20.98 12.11
CA ASP B 120 4.13 21.37 10.98
C ASP B 120 4.81 21.05 9.65
N GLU B 121 6.10 21.32 9.58
CA GLU B 121 6.94 21.13 8.40
C GLU B 121 7.14 19.65 8.06
N GLN B 122 7.15 18.78 9.06
CA GLN B 122 7.26 17.33 8.86
C GLN B 122 5.94 16.76 8.36
N LEU B 123 4.82 17.21 8.90
CA LEU B 123 3.50 16.77 8.43
C LEU B 123 3.27 17.24 7.00
N GLN B 124 3.68 18.47 6.72
CA GLN B 124 3.61 19.05 5.38
C GLN B 124 4.46 18.25 4.41
N LEU B 125 5.68 17.91 4.75
CA LEU B 125 6.51 17.02 3.92
C LEU B 125 5.82 15.69 3.69
N ILE B 126 5.32 15.03 4.72
CA ILE B 126 4.68 13.71 4.55
C ILE B 126 3.43 13.83 3.68
N THR B 127 2.68 14.91 3.81
CA THR B 127 1.56 15.24 2.92
C THR B 127 2.02 15.40 1.49
N GLN B 128 3.14 16.06 1.23
CA GLN B 128 3.70 16.18 -0.13
C GLN B 128 4.14 14.83 -0.68
N LEU B 129 4.64 13.94 0.15
CA LEU B 129 5.08 12.61 -0.30
C LEU B 129 3.90 11.68 -0.62
N PHE B 130 2.83 11.71 0.15
CA PHE B 130 1.57 11.02 -0.20
C PHE B 130 0.92 11.64 -1.44
N LYS B 131 1.00 12.96 -1.62
CA LYS B 131 0.60 13.64 -2.86
C LYS B 131 1.44 13.18 -4.06
N MET B 132 2.74 12.97 -3.91
CA MET B 132 3.62 12.42 -4.97
C MET B 132 3.27 11.00 -5.38
N ASP B 133 2.86 10.12 -4.47
CA ASP B 133 2.44 8.74 -4.78
C ASP B 133 1.02 8.66 -5.35
N ALA B 134 0.13 9.58 -4.98
CA ALA B 134 -1.28 9.62 -5.44
C ALA B 134 -1.40 10.05 -6.90
N GLN B 135 -0.44 10.86 -7.35
CA GLN B 135 -0.37 11.43 -8.71
C GLN B 135 0.00 10.39 -9.77
N GLN B 136 0.65 9.30 -9.39
CA GLN B 136 1.28 8.37 -10.34
C GLN B 136 0.29 7.41 -11.00
N SER B 137 0.60 7.09 -12.26
CA SER B 137 -0.08 6.06 -13.06
C SER B 137 0.29 4.69 -12.53
N ARG B 138 -0.62 3.71 -12.71
CA ARG B 138 -0.37 2.39 -12.12
C ARG B 138 -0.96 1.22 -12.93
N ARG B 139 -0.19 0.16 -13.13
CA ARG B 139 -0.67 -1.09 -13.74
C ARG B 139 -1.77 -1.65 -12.85
N VAL B 140 -2.89 -2.05 -13.43
CA VAL B 140 -3.99 -2.71 -12.69
C VAL B 140 -3.97 -4.20 -12.98
N ASP B 141 -3.80 -5.00 -11.95
CA ASP B 141 -3.88 -6.48 -12.02
C ASP B 141 -5.10 -6.93 -11.26
N ILE B 142 -5.96 -7.73 -11.87
CA ILE B 142 -7.14 -8.31 -11.18
C ILE B 142 -6.72 -9.57 -10.41
N VAL B 143 -6.83 -9.52 -9.09
CA VAL B 143 -6.39 -10.63 -8.20
C VAL B 143 -7.49 -11.66 -7.97
N ASN B 144 -8.71 -11.21 -7.70
CA ASN B 144 -9.93 -12.04 -7.67
C ASN B 144 -11.17 -11.17 -7.86
N GLU B 145 -12.35 -11.77 -7.81
CA GLU B 145 -13.65 -11.10 -8.00
C GLU B 145 -13.90 -9.89 -7.07
N ARG B 146 -13.23 -9.83 -5.93
CA ARG B 146 -13.33 -8.73 -4.96
C ARG B 146 -12.05 -7.91 -4.85
N THR B 147 -10.98 -8.26 -5.55
CA THR B 147 -9.63 -7.74 -5.24
C THR B 147 -8.86 -7.33 -6.48
N ILE B 148 -8.24 -6.15 -6.45
CA ILE B 148 -7.31 -5.68 -7.50
C ILE B 148 -5.99 -5.20 -6.86
N LEU B 149 -4.91 -5.28 -7.61
CA LEU B 149 -3.59 -4.80 -7.23
C LEU B 149 -3.21 -3.65 -8.14
N PHE B 150 -2.76 -2.55 -7.57
CA PHE B 150 -2.19 -1.42 -8.32
C PHE B 150 -0.67 -1.44 -8.15
N THR B 151 0.10 -1.43 -9.24
CA THR B 151 1.58 -1.34 -9.24
C THR B 151 2.06 -0.09 -9.96
N SER B 152 2.87 0.73 -9.31
CA SER B 152 3.55 1.91 -9.88
C SER B 152 4.81 1.57 -10.70
N LEU B 153 5.25 2.49 -11.55
CA LEU B 153 6.52 2.32 -12.31
C LEU B 153 7.73 2.17 -11.38
N SER B 154 7.74 2.84 -10.24
CA SER B 154 8.75 2.68 -9.17
C SER B 154 8.60 1.36 -8.41
N HIS B 155 7.82 0.42 -8.93
CA HIS B 155 7.53 -0.95 -8.40
C HIS B 155 6.81 -0.98 -7.05
N GLY B 156 6.41 0.14 -6.47
CA GLY B 156 5.55 0.16 -5.27
C GLY B 156 4.14 -0.29 -5.60
N SER B 157 3.46 -0.97 -4.70
CA SER B 157 2.09 -1.46 -5.00
C SER B 157 1.15 -1.34 -3.80
N THR B 158 -0.13 -1.48 -4.09
CA THR B 158 -1.22 -1.41 -3.12
C THR B 158 -2.28 -2.42 -3.53
N VAL B 159 -2.86 -3.15 -2.58
CA VAL B 159 -3.99 -4.04 -2.89
C VAL B 159 -5.27 -3.37 -2.41
N LEU B 160 -6.25 -3.35 -3.29
CA LEU B 160 -7.57 -2.79 -3.03
C LEU B 160 -8.60 -3.91 -3.05
N PHE B 161 -9.57 -3.77 -2.18
CA PHE B 161 -10.66 -4.75 -2.03
C PHE B 161 -11.98 -4.01 -2.03
N SER B 162 -13.03 -4.77 -2.27
CA SER B 162 -14.39 -4.25 -2.36
C SER B 162 -15.34 -5.16 -1.59
N ASN B 163 -16.28 -4.58 -0.85
CA ASN B 163 -17.23 -5.31 0.04
C ASN B 163 -18.37 -5.89 -0.79
N SER B 164 -19.30 -5.03 -1.24
CA SER B 164 -20.33 -5.31 -2.28
C SER B 164 -20.53 -4.08 -3.16
#